data_7PXO
#
_entry.id   7PXO
#
_cell.length_a   73.570
_cell.length_b   61.560
_cell.length_c   87.780
_cell.angle_alpha   90.00
_cell.angle_beta   112.96
_cell.angle_gamma   90.00
#
_symmetry.space_group_name_H-M   'P 1 21 1'
#
loop_
_entity.id
_entity.type
_entity.pdbx_description
1 polymer 'YD repeat-containing protein'
2 non-polymer (Z,2R,4S)-1-(4-methoxy-5-methylidene-2-oxidanylidene-furan-3-yl)-2,4-dimethyl-dodec-6-ene-1,5-dione
3 non-polymer '4-(2-HYDROXYETHYL)-1-PIPERAZINE ETHANESULFONIC ACID'
4 water water
#
_entity_poly.entity_id   1
_entity_poly.type   'polypeptide(L)'
_entity_poly.pdbx_seq_one_letter_code
;MAHHHHHHSSGLEVLFQGPMTERLETRPQALLIKVPTEIVVKVVDDVDVAAPAVGQVGKFDDELYDEAGAQIGTSSGNFR
IEYVRPTDGGLLTYYQEDITLSDGVIHAEGWADFNDVRTSKWVFYPATGVSGRYLGLTGFRQWRMTGVRKSAEARILLGE
;
_entity_poly.pdbx_strand_id   D,A,B,C
#
# COMPACT_ATOMS: atom_id res chain seq x y z
N GLN A 29 11.83 -42.90 10.73
CA GLN A 29 12.34 -43.17 9.36
C GLN A 29 11.19 -43.13 8.36
N ALA A 30 10.11 -43.89 8.65
CA ALA A 30 8.89 -43.83 7.87
C ALA A 30 7.71 -43.51 8.77
N LEU A 31 6.77 -42.69 8.27
CA LEU A 31 5.64 -42.18 9.03
C LEU A 31 4.35 -42.35 8.20
N LEU A 32 3.29 -42.92 8.79
CA LEU A 32 1.95 -42.95 8.17
C LEU A 32 0.97 -42.14 9.01
N ILE A 33 0.38 -41.09 8.44
CA ILE A 33 -0.71 -40.37 9.08
C ILE A 33 -2.01 -40.78 8.40
N LYS A 34 -2.86 -41.55 9.10
CA LYS A 34 -4.19 -41.95 8.60
C LYS A 34 -5.24 -40.91 9.02
N VAL A 35 -6.03 -40.43 8.06
CA VAL A 35 -7.04 -39.39 8.28
C VAL A 35 -8.38 -39.95 7.82
N PRO A 36 -9.15 -40.64 8.69
CA PRO A 36 -10.43 -41.23 8.28
C PRO A 36 -11.48 -40.18 7.92
N THR A 37 -11.38 -38.99 8.49
CA THR A 37 -12.33 -37.94 8.16
C THR A 37 -11.58 -36.69 7.72
N GLU A 38 -11.80 -36.29 6.47
CA GLU A 38 -11.38 -34.97 6.01
C GLU A 38 -12.61 -34.22 5.49
N ILE A 39 -12.87 -33.05 6.06
CA ILE A 39 -14.09 -32.30 5.82
C ILE A 39 -13.78 -31.16 4.86
N VAL A 40 -14.58 -31.03 3.81
CA VAL A 40 -14.46 -29.91 2.89
C VAL A 40 -15.36 -28.77 3.38
N VAL A 41 -14.77 -27.76 4.02
CA VAL A 41 -15.54 -26.75 4.71
C VAL A 41 -15.97 -25.64 3.75
N LYS A 42 -15.26 -25.50 2.62
CA LYS A 42 -15.69 -24.62 1.55
C LYS A 42 -15.09 -25.15 0.25
N VAL A 43 -15.88 -25.09 -0.83
CA VAL A 43 -15.30 -25.29 -2.14
C VAL A 43 -16.03 -24.40 -3.13
N VAL A 44 -15.24 -23.73 -3.99
CA VAL A 44 -15.75 -22.96 -5.10
C VAL A 44 -15.27 -23.65 -6.37
N ASP A 45 -16.18 -23.99 -7.29
CA ASP A 45 -15.82 -24.77 -8.45
C ASP A 45 -16.85 -24.60 -9.55
N ASP A 46 -16.43 -24.75 -10.81
CA ASP A 46 -17.38 -24.99 -11.90
C ASP A 46 -17.21 -26.42 -12.44
N VAL A 47 -16.93 -27.38 -11.57
CA VAL A 47 -16.86 -28.77 -11.99
C VAL A 47 -18.27 -29.34 -12.08
N ASP A 48 -18.59 -29.92 -13.23
CA ASP A 48 -19.78 -30.75 -13.38
C ASP A 48 -19.40 -32.18 -12.95
N VAL A 49 -19.80 -32.59 -11.75
CA VAL A 49 -19.34 -33.86 -11.19
C VAL A 49 -19.81 -35.02 -12.07
N ALA A 50 -21.00 -34.93 -12.66
CA ALA A 50 -21.53 -36.02 -13.45
C ALA A 50 -20.88 -36.05 -14.83
N ALA A 51 -20.26 -34.94 -15.26
CA ALA A 51 -19.72 -34.87 -16.62
C ALA A 51 -18.54 -33.89 -16.70
N PRO A 52 -17.40 -34.18 -16.05
CA PRO A 52 -16.33 -33.18 -15.93
C PRO A 52 -15.69 -32.89 -17.29
N ALA A 53 -15.14 -31.68 -17.42
CA ALA A 53 -14.52 -31.26 -18.66
C ALA A 53 -13.24 -30.49 -18.38
N VAL A 54 -12.34 -30.54 -19.36
CA VAL A 54 -11.12 -29.76 -19.39
C VAL A 54 -11.49 -28.30 -19.15
N GLY A 55 -10.67 -27.58 -18.35
CA GLY A 55 -10.86 -26.17 -18.11
C GLY A 55 -11.56 -25.90 -16.77
N GLN A 56 -12.27 -26.90 -16.22
CA GLN A 56 -13.00 -26.71 -14.98
C GLN A 56 -12.05 -26.70 -13.81
N VAL A 57 -12.41 -25.90 -12.80
CA VAL A 57 -11.50 -25.57 -11.74
C VAL A 57 -12.22 -25.64 -10.41
N GLY A 58 -11.42 -25.71 -9.35
CA GLY A 58 -11.88 -25.75 -7.98
C GLY A 58 -10.87 -25.15 -7.02
N LYS A 59 -11.37 -24.49 -5.98
CA LYS A 59 -10.55 -24.01 -4.89
C LYS A 59 -11.23 -24.45 -3.60
N PHE A 60 -10.46 -25.05 -2.69
CA PHE A 60 -11.04 -25.75 -1.55
C PHE A 60 -10.24 -25.49 -0.28
N ASP A 61 -10.92 -25.77 0.85
CA ASP A 61 -10.40 -25.66 2.20
C ASP A 61 -10.95 -26.81 3.04
N ASP A 62 -10.04 -27.60 3.63
CA ASP A 62 -10.39 -28.84 4.31
C ASP A 62 -9.98 -28.76 5.78
N GLU A 63 -10.61 -29.61 6.61
CA GLU A 63 -10.16 -29.86 7.96
C GLU A 63 -9.95 -31.37 8.10
N LEU A 64 -8.91 -31.74 8.86
CA LEU A 64 -8.41 -33.10 8.95
C LEU A 64 -8.59 -33.63 10.38
N TYR A 65 -9.07 -34.88 10.51
CA TYR A 65 -9.39 -35.46 11.81
C TYR A 65 -8.70 -36.83 11.91
N ASP A 66 -8.12 -37.12 13.09
CA ASP A 66 -7.36 -38.34 13.33
C ASP A 66 -8.30 -39.48 13.69
N GLU A 67 -7.72 -40.66 13.97
CA GLU A 67 -8.46 -41.91 14.09
C GLU A 67 -9.45 -41.91 15.25
N ALA A 68 -9.28 -41.02 16.25
CA ALA A 68 -10.29 -40.82 17.29
C ALA A 68 -10.87 -39.41 17.20
N GLY A 69 -10.74 -38.79 16.03
CA GLY A 69 -11.58 -37.67 15.63
C GLY A 69 -11.28 -36.38 16.38
N ALA A 70 -10.01 -36.11 16.71
CA ALA A 70 -9.57 -34.77 17.09
C ALA A 70 -8.90 -34.09 15.90
N GLN A 71 -8.85 -32.75 15.92
CA GLN A 71 -8.38 -31.98 14.78
C GLN A 71 -6.86 -32.00 14.75
N ILE A 72 -6.31 -32.34 13.56
CA ILE A 72 -4.88 -32.42 13.36
C ILE A 72 -4.45 -31.37 12.34
N GLY A 73 -5.38 -30.80 11.58
CA GLY A 73 -5.04 -29.61 10.83
C GLY A 73 -6.02 -29.29 9.69
N THR A 74 -5.51 -28.49 8.76
CA THR A 74 -6.28 -27.94 7.67
C THR A 74 -5.48 -28.14 6.38
N SER A 75 -6.19 -28.15 5.25
CA SER A 75 -5.57 -28.02 3.95
C SER A 75 -6.23 -26.89 3.18
N SER A 76 -5.44 -26.24 2.32
CA SER A 76 -5.96 -25.24 1.41
C SER A 76 -5.34 -25.49 0.06
N GLY A 77 -6.15 -25.56 -1.01
CA GLY A 77 -5.61 -25.91 -2.30
C GLY A 77 -6.56 -25.56 -3.44
N ASN A 78 -6.15 -25.96 -4.64
CA ASN A 78 -6.96 -25.80 -5.82
C ASN A 78 -6.59 -26.89 -6.80
N PHE A 79 -7.39 -27.01 -7.86
CA PHE A 79 -7.11 -27.97 -8.92
C PHE A 79 -7.65 -27.43 -10.24
N ARG A 80 -7.25 -28.09 -11.32
CA ARG A 80 -7.71 -27.72 -12.64
C ARG A 80 -7.68 -28.99 -13.47
N ILE A 81 -8.79 -29.27 -14.16
CA ILE A 81 -8.82 -30.38 -15.10
C ILE A 81 -8.13 -29.92 -16.38
N GLU A 82 -7.11 -30.67 -16.80
CA GLU A 82 -6.11 -30.16 -17.73
C GLU A 82 -6.19 -30.85 -19.08
N TYR A 83 -6.34 -32.18 -19.13
CA TYR A 83 -6.29 -32.86 -20.41
C TYR A 83 -7.00 -34.20 -20.30
N VAL A 84 -7.38 -34.76 -21.47
CA VAL A 84 -7.97 -36.09 -21.57
C VAL A 84 -6.85 -37.06 -21.93
N ARG A 85 -6.58 -38.04 -21.07
CA ARG A 85 -5.52 -39.00 -21.37
C ARG A 85 -6.01 -39.95 -22.47
N PRO A 86 -5.28 -40.10 -23.61
CA PRO A 86 -5.77 -40.90 -24.72
C PRO A 86 -5.76 -42.41 -24.52
N THR A 87 -5.24 -42.86 -23.38
CA THR A 87 -5.11 -44.30 -23.13
C THR A 87 -6.38 -44.82 -22.53
N ASP A 88 -7.09 -44.00 -21.77
CA ASP A 88 -8.27 -44.47 -21.03
C ASP A 88 -9.33 -43.39 -20.92
N GLY A 89 -9.16 -42.29 -21.64
CA GLY A 89 -10.08 -41.17 -21.49
C GLY A 89 -10.04 -40.54 -20.10
N GLY A 90 -8.96 -40.72 -19.34
CA GLY A 90 -8.86 -40.15 -18.01
C GLY A 90 -8.88 -38.61 -18.07
N LEU A 91 -9.50 -38.00 -17.07
CA LEU A 91 -9.60 -36.55 -17.02
C LEU A 91 -8.56 -36.07 -16.02
N LEU A 92 -7.36 -35.83 -16.55
CA LEU A 92 -6.18 -35.66 -15.74
C LEU A 92 -6.22 -34.25 -15.17
N THR A 93 -6.21 -34.19 -13.83
CA THR A 93 -6.35 -32.96 -13.07
C THR A 93 -5.09 -32.74 -12.25
N TYR A 94 -4.65 -31.48 -12.19
CA TYR A 94 -3.49 -31.09 -11.39
C TYR A 94 -3.98 -30.50 -10.07
N TYR A 95 -3.53 -31.07 -8.95
CA TYR A 95 -3.86 -30.59 -7.63
C TYR A 95 -2.63 -29.92 -7.02
N GLN A 96 -2.85 -28.88 -6.21
CA GLN A 96 -1.79 -28.30 -5.40
C GLN A 96 -2.40 -27.84 -4.09
N GLU A 97 -1.74 -28.16 -2.98
CA GLU A 97 -2.33 -27.88 -1.68
C GLU A 97 -1.25 -27.68 -0.60
N ASP A 98 -1.62 -26.89 0.42
CA ASP A 98 -0.80 -26.77 1.61
C ASP A 98 -1.59 -27.32 2.77
N ILE A 99 -1.01 -28.34 3.38
CA ILE A 99 -1.60 -28.99 4.53
C ILE A 99 -0.92 -28.47 5.79
N THR A 100 -1.61 -27.60 6.53
CA THR A 100 -1.07 -27.08 7.79
C THR A 100 -1.48 -28.00 8.92
N LEU A 101 -0.59 -28.90 9.31
CA LEU A 101 -0.85 -29.72 10.47
C LEU A 101 -0.46 -28.91 11.70
N SER A 102 -0.61 -29.52 12.88
CA SER A 102 -0.38 -28.83 14.15
C SER A 102 1.10 -28.91 14.53
N ASP A 103 1.84 -29.84 13.91
CA ASP A 103 3.24 -30.04 14.27
C ASP A 103 4.12 -29.94 13.02
N GLY A 104 3.73 -29.07 12.06
CA GLY A 104 4.49 -28.83 10.84
C GLY A 104 3.60 -28.71 9.60
N VAL A 105 4.12 -28.08 8.53
CA VAL A 105 3.43 -27.95 7.24
C VAL A 105 3.91 -29.04 6.28
N ILE A 106 3.06 -29.35 5.28
CA ILE A 106 3.35 -30.29 4.19
C ILE A 106 2.77 -29.73 2.90
N HIS A 107 3.57 -29.72 1.83
CA HIS A 107 3.11 -29.30 0.52
C HIS A 107 2.86 -30.54 -0.32
N ALA A 108 1.75 -30.56 -1.06
CA ALA A 108 1.43 -31.68 -1.94
C ALA A 108 0.92 -31.16 -3.26
N GLU A 109 1.41 -31.71 -4.37
CA GLU A 109 0.90 -31.37 -5.69
C GLU A 109 1.20 -32.46 -6.71
N GLY A 110 0.39 -32.55 -7.77
CA GLY A 110 0.59 -33.57 -8.80
C GLY A 110 -0.72 -33.96 -9.48
N TRP A 111 -0.69 -35.09 -10.19
CA TRP A 111 -1.73 -35.49 -11.12
C TRP A 111 -2.69 -36.47 -10.47
N ALA A 112 -3.98 -36.32 -10.83
CA ALA A 112 -5.01 -37.30 -10.47
C ALA A 112 -6.01 -37.41 -11.61
N ASP A 113 -6.57 -38.62 -11.77
CA ASP A 113 -7.65 -38.84 -12.70
C ASP A 113 -8.95 -38.40 -12.05
N PHE A 114 -9.62 -37.39 -12.63
CA PHE A 114 -10.89 -36.95 -12.09
C PHE A 114 -11.96 -38.04 -12.21
N ASN A 115 -11.85 -38.96 -13.17
CA ASN A 115 -12.77 -40.09 -13.25
C ASN A 115 -12.62 -40.99 -12.05
N ASP A 116 -11.44 -41.00 -11.42
CA ASP A 116 -11.24 -41.73 -10.17
C ASP A 116 -11.78 -40.93 -8.99
N VAL A 117 -11.47 -39.64 -8.96
CA VAL A 117 -12.00 -38.77 -7.92
C VAL A 117 -13.51 -38.99 -7.80
N ARG A 118 -14.23 -38.84 -8.91
CA ARG A 118 -15.68 -38.76 -8.83
C ARG A 118 -16.28 -40.15 -8.62
N THR A 119 -15.52 -41.24 -8.82
CA THR A 119 -16.09 -42.55 -8.56
C THR A 119 -15.54 -43.10 -7.26
N SER A 120 -15.13 -42.23 -6.34
CA SER A 120 -14.77 -42.62 -4.97
C SER A 120 -13.56 -43.57 -4.89
N LYS A 121 -12.69 -43.55 -5.91
CA LYS A 121 -11.43 -44.28 -5.90
C LYS A 121 -10.30 -43.41 -5.35
N TRP A 122 -9.25 -44.09 -4.86
CA TRP A 122 -8.08 -43.41 -4.30
C TRP A 122 -7.25 -42.69 -5.35
N VAL A 123 -6.83 -41.46 -5.02
CA VAL A 123 -5.83 -40.76 -5.80
C VAL A 123 -4.63 -40.47 -4.90
N PHE A 124 -3.54 -40.03 -5.52
CA PHE A 124 -2.31 -39.72 -4.79
C PHE A 124 -1.46 -38.78 -5.62
N TYR A 125 -0.54 -38.12 -4.94
CA TYR A 125 0.44 -37.24 -5.55
C TYR A 125 1.54 -36.93 -4.52
N PRO A 126 2.75 -36.52 -4.98
CA PRO A 126 3.84 -36.20 -4.08
C PRO A 126 3.51 -35.13 -3.04
N ALA A 127 4.07 -35.37 -1.83
CA ALA A 127 4.07 -34.47 -0.69
C ALA A 127 5.49 -34.28 -0.15
N THR A 128 5.79 -33.03 0.23
CA THR A 128 7.09 -32.62 0.71
C THR A 128 6.90 -31.93 2.06
N GLY A 129 7.52 -32.46 3.11
CA GLY A 129 7.55 -31.79 4.41
C GLY A 129 8.19 -30.40 4.30
N VAL A 130 7.49 -29.36 4.75
CA VAL A 130 7.95 -27.99 4.56
C VAL A 130 8.46 -27.39 5.87
N SER A 131 8.03 -27.91 7.02
CA SER A 131 8.56 -27.43 8.30
C SER A 131 7.99 -28.26 9.44
N GLY A 132 8.51 -28.00 10.66
CA GLY A 132 8.11 -28.74 11.84
C GLY A 132 8.67 -30.16 11.80
N ARG A 133 7.98 -31.10 12.45
CA ARG A 133 8.34 -32.51 12.44
C ARG A 133 8.48 -33.05 11.01
N TYR A 134 8.07 -32.29 9.98
CA TYR A 134 7.98 -32.82 8.63
C TYR A 134 9.13 -32.30 7.77
N LEU A 135 9.80 -31.24 8.23
CA LEU A 135 11.13 -30.88 7.76
C LEU A 135 11.94 -32.14 7.48
N GLY A 136 12.42 -32.25 6.23
CA GLY A 136 13.24 -33.37 5.80
C GLY A 136 12.47 -34.52 5.16
N LEU A 137 11.15 -34.59 5.34
CA LEU A 137 10.41 -35.78 4.94
C LEU A 137 9.74 -35.53 3.60
N THR A 138 9.66 -36.59 2.79
CA THR A 138 8.96 -36.52 1.51
C THR A 138 8.14 -37.81 1.35
N GLY A 139 7.10 -37.75 0.51
CA GLY A 139 6.31 -38.94 0.24
C GLY A 139 5.07 -38.57 -0.53
N PHE A 140 3.92 -38.98 -0.01
CA PHE A 140 2.70 -38.95 -0.81
C PHE A 140 1.48 -38.61 0.03
N ARG A 141 0.64 -37.74 -0.57
CA ARG A 141 -0.72 -37.48 -0.12
C ARG A 141 -1.65 -38.43 -0.85
N GLN A 142 -2.49 -39.18 -0.11
CA GLN A 142 -3.49 -40.06 -0.71
C GLN A 142 -4.89 -39.65 -0.23
N TRP A 143 -5.88 -39.67 -1.12
CA TRP A 143 -7.24 -39.51 -0.64
C TRP A 143 -8.25 -40.11 -1.59
N ARG A 144 -9.44 -40.30 -1.00
CA ARG A 144 -10.63 -40.79 -1.73
C ARG A 144 -11.83 -40.01 -1.19
N MET A 145 -12.68 -39.48 -2.05
CA MET A 145 -13.88 -38.73 -1.74
C MET A 145 -14.89 -39.70 -1.12
N THR A 146 -15.39 -39.35 0.09
CA THR A 146 -16.47 -40.10 0.74
C THR A 146 -17.79 -39.34 0.64
N GLY A 147 -17.71 -38.04 0.34
CA GLY A 147 -18.89 -37.20 0.23
C GLY A 147 -18.64 -36.05 -0.74
N VAL A 148 -19.32 -36.09 -1.88
CA VAL A 148 -19.18 -35.12 -2.95
C VAL A 148 -19.26 -33.71 -2.34
N ARG A 149 -18.15 -32.97 -2.51
CA ARG A 149 -18.02 -31.58 -2.12
C ARG A 149 -18.14 -31.46 -0.62
N LYS A 150 -17.73 -32.51 0.12
CA LYS A 150 -17.95 -32.46 1.55
C LYS A 150 -16.97 -33.32 2.35
N SER A 151 -16.64 -34.53 1.92
CA SER A 151 -15.76 -35.31 2.80
C SER A 151 -14.87 -36.26 2.01
N ALA A 152 -13.76 -36.64 2.67
CA ALA A 152 -12.76 -37.53 2.10
C ALA A 152 -12.09 -38.32 3.23
N GLU A 153 -11.52 -39.46 2.84
CA GLU A 153 -10.63 -40.25 3.67
C GLU A 153 -9.23 -40.03 3.10
N ALA A 154 -8.21 -39.86 3.95
CA ALA A 154 -6.89 -39.47 3.47
C ALA A 154 -5.77 -40.22 4.18
N ARG A 155 -4.63 -40.34 3.48
CA ARG A 155 -3.38 -40.79 4.09
C ARG A 155 -2.23 -39.88 3.69
N ILE A 156 -1.27 -39.76 4.60
CA ILE A 156 -0.04 -39.06 4.29
C ILE A 156 1.09 -39.99 4.67
N LEU A 157 1.84 -40.43 3.65
CA LEU A 157 2.88 -41.42 3.83
C LEU A 157 4.22 -40.76 3.56
N LEU A 158 5.10 -40.75 4.56
CA LEU A 158 6.32 -39.93 4.51
C LEU A 158 7.51 -40.77 4.96
N GLY A 159 8.68 -40.46 4.39
CA GLY A 159 9.94 -41.08 4.77
C GLY A 159 11.08 -40.08 4.80
N GLU A 160 12.15 -40.46 5.49
CA GLU A 160 13.42 -39.78 5.49
C GLU A 160 14.55 -40.83 5.48
N GLU B 25 -1.38 20.86 -29.49
CA GLU B 25 -2.44 20.01 -30.13
C GLU B 25 -3.81 20.49 -29.65
N THR B 26 -4.76 20.67 -30.59
CA THR B 26 -6.11 21.09 -30.25
C THR B 26 -6.96 19.88 -29.82
N ARG B 27 -7.55 19.98 -28.60
CA ARG B 27 -8.55 19.04 -28.06
C ARG B 27 -7.98 17.64 -27.94
N PRO B 28 -6.90 17.43 -27.16
CA PRO B 28 -6.31 16.09 -27.07
C PRO B 28 -7.32 15.22 -26.34
N GLN B 29 -7.27 13.90 -26.61
CA GLN B 29 -8.14 12.92 -25.97
C GLN B 29 -7.74 12.72 -24.49
N ALA B 30 -6.41 12.79 -24.25
CA ALA B 30 -5.78 12.56 -22.96
C ALA B 30 -4.69 13.60 -22.75
N LEU B 31 -4.47 14.08 -21.52
CA LEU B 31 -3.31 14.91 -21.29
C LEU B 31 -2.68 14.58 -19.95
N LEU B 32 -1.35 14.61 -19.97
CA LEU B 32 -0.47 14.45 -18.81
C LEU B 32 0.12 15.80 -18.49
N ILE B 33 0.00 16.22 -17.23
CA ILE B 33 0.67 17.39 -16.71
C ILE B 33 1.69 16.88 -15.70
N LYS B 34 2.97 17.13 -15.98
CA LYS B 34 4.06 16.66 -15.14
C LYS B 34 4.42 17.78 -14.17
N VAL B 35 4.57 17.43 -12.88
CA VAL B 35 4.92 18.43 -11.89
C VAL B 35 6.12 17.91 -11.12
N PRO B 36 7.38 18.18 -11.54
CA PRO B 36 8.54 17.59 -10.89
C PRO B 36 8.78 18.22 -9.52
N THR B 37 8.28 19.43 -9.30
CA THR B 37 8.44 20.07 -8.01
C THR B 37 7.12 20.65 -7.56
N GLU B 38 6.60 20.12 -6.47
CA GLU B 38 5.52 20.77 -5.75
C GLU B 38 6.05 21.05 -4.35
N ILE B 39 6.03 22.32 -3.98
CA ILE B 39 6.57 22.79 -2.72
C ILE B 39 5.41 22.96 -1.74
N VAL B 40 5.53 22.35 -0.55
CA VAL B 40 4.59 22.60 0.53
C VAL B 40 4.92 23.95 1.15
N VAL B 41 4.15 25.02 0.87
CA VAL B 41 4.54 26.30 1.42
C VAL B 41 3.95 26.49 2.81
N LYS B 42 2.84 25.82 3.11
CA LYS B 42 2.17 25.97 4.39
C LYS B 42 1.51 24.63 4.72
N VAL B 43 1.79 24.10 5.90
CA VAL B 43 1.12 22.88 6.32
C VAL B 43 0.86 22.93 7.82
N VAL B 44 -0.38 22.66 8.20
CA VAL B 44 -0.78 22.58 9.59
C VAL B 44 -1.33 21.18 9.80
N ASP B 45 -0.76 20.41 10.72
CA ASP B 45 -1.16 19.01 10.89
C ASP B 45 -0.92 18.62 12.34
N ASP B 46 -1.57 17.52 12.76
CA ASP B 46 -1.34 16.92 14.06
C ASP B 46 -1.03 15.44 13.81
N VAL B 47 -0.53 15.13 12.61
CA VAL B 47 -0.11 13.79 12.28
C VAL B 47 1.22 13.52 12.96
N ASP B 48 1.31 12.34 13.57
CA ASP B 48 2.57 11.81 14.03
C ASP B 48 3.05 10.83 12.97
N VAL B 49 4.02 11.24 12.14
CA VAL B 49 4.39 10.50 10.94
C VAL B 49 5.00 9.14 11.31
N ALA B 50 5.67 9.08 12.47
CA ALA B 50 6.27 7.85 12.97
C ALA B 50 5.21 6.82 13.37
N ALA B 51 4.10 7.28 13.96
CA ALA B 51 3.04 6.37 14.34
C ALA B 51 1.68 7.05 14.13
N PRO B 52 1.21 7.15 12.87
CA PRO B 52 -0.01 7.88 12.57
C PRO B 52 -1.26 7.18 13.09
N ALA B 53 -2.22 8.00 13.54
CA ALA B 53 -3.43 7.51 14.18
C ALA B 53 -4.67 8.08 13.49
N VAL B 54 -5.74 7.28 13.53
CA VAL B 54 -7.05 7.64 13.01
C VAL B 54 -7.49 8.98 13.63
N GLY B 55 -8.03 9.91 12.84
CA GLY B 55 -8.50 11.18 13.41
C GLY B 55 -7.50 12.31 13.24
N GLN B 56 -6.26 11.97 12.91
CA GLN B 56 -5.27 13.01 12.63
C GLN B 56 -5.52 13.59 11.23
N VAL B 57 -5.18 14.88 11.06
CA VAL B 57 -5.47 15.68 9.89
C VAL B 57 -4.25 16.54 9.51
N GLY B 58 -4.27 16.99 8.26
CA GLY B 58 -3.44 18.10 7.83
C GLY B 58 -4.18 18.99 6.86
N LYS B 59 -3.77 20.27 6.83
CA LYS B 59 -4.15 21.21 5.82
C LYS B 59 -2.88 21.69 5.13
N PHE B 60 -2.89 21.74 3.79
CA PHE B 60 -1.67 22.02 3.07
C PHE B 60 -1.99 23.02 1.97
N ASP B 61 -1.01 23.86 1.68
CA ASP B 61 -1.01 24.74 0.53
C ASP B 61 0.33 24.58 -0.17
N ASP B 62 0.26 24.36 -1.48
CA ASP B 62 1.42 23.93 -2.25
C ASP B 62 1.60 24.88 -3.43
N GLU B 63 2.82 24.90 -4.00
CA GLU B 63 3.09 25.60 -5.24
C GLU B 63 3.64 24.58 -6.22
N LEU B 64 3.05 24.55 -7.43
CA LEU B 64 3.41 23.56 -8.44
C LEU B 64 4.37 24.20 -9.46
N TYR B 65 5.49 23.53 -9.76
CA TYR B 65 6.47 24.01 -10.72
C TYR B 65 6.66 23.00 -11.84
N ASP B 66 6.91 23.51 -13.06
CA ASP B 66 7.30 22.68 -14.20
C ASP B 66 8.80 22.45 -14.21
N GLU B 67 9.27 21.70 -15.22
CA GLU B 67 10.69 21.39 -15.41
C GLU B 67 11.50 22.67 -15.51
N ALA B 68 10.98 23.69 -16.20
CA ALA B 68 11.70 24.95 -16.36
C ALA B 68 11.76 25.75 -15.05
N GLY B 69 11.17 25.24 -13.95
CA GLY B 69 11.04 26.00 -12.72
C GLY B 69 10.10 27.21 -12.83
N ALA B 70 9.21 27.26 -13.83
CA ALA B 70 8.09 28.19 -13.78
C ALA B 70 6.97 27.62 -12.90
N GLN B 71 6.33 28.49 -12.13
CA GLN B 71 5.16 28.08 -11.36
C GLN B 71 3.97 27.93 -12.29
N ILE B 72 3.38 26.73 -12.34
CA ILE B 72 2.19 26.44 -13.13
C ILE B 72 0.90 26.52 -12.30
N GLY B 73 1.00 26.54 -10.96
CA GLY B 73 -0.12 26.98 -10.16
C GLY B 73 0.05 26.61 -8.69
N THR B 74 -1.08 26.41 -8.03
CA THR B 74 -1.13 26.19 -6.59
C THR B 74 -2.13 25.08 -6.27
N SER B 75 -2.08 24.60 -5.04
CA SER B 75 -3.02 23.62 -4.56
C SER B 75 -3.35 23.96 -3.11
N SER B 76 -4.63 23.95 -2.77
CA SER B 76 -5.07 24.09 -1.40
C SER B 76 -5.87 22.83 -1.05
N GLY B 77 -5.54 22.18 0.06
CA GLY B 77 -6.13 20.88 0.34
C GLY B 77 -6.16 20.53 1.83
N ASN B 78 -6.76 19.37 2.13
CA ASN B 78 -6.70 18.80 3.45
C ASN B 78 -6.88 17.29 3.36
N PHE B 79 -6.62 16.63 4.48
CA PHE B 79 -6.78 15.18 4.55
C PHE B 79 -7.14 14.82 5.98
N ARG B 80 -7.63 13.59 6.14
CA ARG B 80 -7.96 13.05 7.43
C ARG B 80 -7.72 11.55 7.38
N ILE B 81 -7.03 11.02 8.39
CA ILE B 81 -6.82 9.59 8.52
C ILE B 81 -8.11 9.02 9.08
N GLU B 82 -8.70 8.05 8.39
CA GLU B 82 -10.09 7.71 8.69
C GLU B 82 -10.23 6.32 9.27
N TYR B 83 -9.42 5.35 8.83
CA TYR B 83 -9.54 4.00 9.38
C TYR B 83 -8.27 3.22 9.09
N VAL B 84 -8.06 2.18 9.91
CA VAL B 84 -7.00 1.20 9.74
C VAL B 84 -7.60 0.09 8.89
N ARG B 85 -6.97 -0.20 7.75
CA ARG B 85 -7.42 -1.27 6.87
C ARG B 85 -6.96 -2.61 7.44
N PRO B 86 -7.87 -3.55 7.78
CA PRO B 86 -7.47 -4.83 8.40
C PRO B 86 -6.57 -5.74 7.53
N THR B 87 -6.62 -5.59 6.21
CA THR B 87 -5.78 -6.37 5.31
C THR B 87 -4.32 -6.33 5.77
N ASP B 88 -3.80 -5.10 5.97
CA ASP B 88 -2.37 -4.87 6.03
C ASP B 88 -2.00 -3.81 7.07
N GLY B 89 -2.98 -3.32 7.85
CA GLY B 89 -2.76 -2.23 8.79
C GLY B 89 -2.59 -0.87 8.09
N GLY B 90 -2.93 -0.77 6.79
CA GLY B 90 -2.83 0.49 6.07
C GLY B 90 -3.67 1.59 6.75
N LEU B 91 -3.22 2.84 6.67
CA LEU B 91 -3.90 3.94 7.31
C LEU B 91 -4.63 4.75 6.25
N LEU B 92 -5.92 4.44 6.12
CA LEU B 92 -6.69 4.92 5.00
C LEU B 92 -7.14 6.35 5.30
N THR B 93 -6.69 7.22 4.40
CA THR B 93 -6.71 8.66 4.55
C THR B 93 -7.48 9.18 3.34
N TYR B 94 -8.40 10.10 3.63
CA TYR B 94 -9.19 10.75 2.62
C TYR B 94 -8.59 12.13 2.38
N TYR B 95 -8.32 12.42 1.11
CA TYR B 95 -7.71 13.65 0.68
C TYR B 95 -8.72 14.41 -0.17
N GLN B 96 -8.62 15.73 -0.08
CA GLN B 96 -9.46 16.62 -0.91
C GLN B 96 -8.62 17.88 -1.19
N GLU B 97 -8.68 18.40 -2.41
CA GLU B 97 -7.86 19.53 -2.79
C GLU B 97 -8.42 20.19 -4.04
N ASP B 98 -8.18 21.51 -4.12
CA ASP B 98 -8.48 22.31 -5.29
C ASP B 98 -7.15 22.71 -5.91
N ILE B 99 -6.92 22.29 -7.14
CA ILE B 99 -5.67 22.58 -7.79
C ILE B 99 -5.93 23.69 -8.82
N THR B 100 -5.43 24.90 -8.56
CA THR B 100 -5.66 26.02 -9.45
C THR B 100 -4.44 26.21 -10.32
N LEU B 101 -4.51 25.81 -11.60
CA LEU B 101 -3.43 26.07 -12.54
C LEU B 101 -3.68 27.39 -13.26
N SER B 102 -2.66 27.89 -13.98
CA SER B 102 -2.81 29.15 -14.69
C SER B 102 -3.95 29.08 -15.70
N ASP B 103 -4.29 27.88 -16.20
CA ASP B 103 -5.29 27.77 -17.26
C ASP B 103 -6.57 27.02 -16.84
N GLY B 104 -6.76 26.73 -15.54
CA GLY B 104 -8.05 26.26 -15.06
C GLY B 104 -7.94 25.48 -13.74
N VAL B 105 -9.09 25.09 -13.18
CA VAL B 105 -9.14 24.46 -11.86
C VAL B 105 -9.44 22.97 -12.05
N ILE B 106 -8.78 22.13 -11.24
CA ILE B 106 -9.02 20.71 -11.17
C ILE B 106 -9.31 20.36 -9.71
N HIS B 107 -10.39 19.62 -9.44
CA HIS B 107 -10.68 19.22 -8.08
C HIS B 107 -10.24 17.77 -8.03
N ALA B 108 -9.76 17.32 -6.88
CA ALA B 108 -9.36 15.93 -6.75
C ALA B 108 -9.66 15.53 -5.31
N GLU B 109 -10.14 14.29 -5.12
CA GLU B 109 -10.41 13.78 -3.78
C GLU B 109 -10.54 12.26 -3.84
N GLY B 110 -10.25 11.60 -2.73
CA GLY B 110 -10.30 10.15 -2.68
C GLY B 110 -9.35 9.60 -1.62
N TRP B 111 -9.22 8.26 -1.63
CA TRP B 111 -8.42 7.51 -0.69
C TRP B 111 -6.97 7.37 -1.13
N ALA B 112 -6.12 7.37 -0.10
CA ALA B 112 -4.72 6.94 -0.16
C ALA B 112 -4.32 6.32 1.17
N ASP B 113 -3.32 5.43 1.12
CA ASP B 113 -2.74 4.84 2.31
C ASP B 113 -1.65 5.75 2.86
N PHE B 114 -1.80 6.21 4.10
CA PHE B 114 -0.82 7.09 4.69
C PHE B 114 0.52 6.37 4.90
N ASN B 115 0.53 5.03 4.98
CA ASN B 115 1.78 4.28 5.03
C ASN B 115 2.56 4.51 3.75
N ASP B 116 1.87 4.57 2.60
CA ASP B 116 2.54 4.87 1.34
C ASP B 116 3.00 6.33 1.33
N VAL B 117 2.17 7.24 1.80
CA VAL B 117 2.55 8.64 1.81
C VAL B 117 3.89 8.80 2.53
N ARG B 118 4.01 8.26 3.73
CA ARG B 118 5.13 8.57 4.60
C ARG B 118 6.39 7.79 4.21
N THR B 119 6.29 6.77 3.35
CA THR B 119 7.48 6.09 2.86
C THR B 119 7.79 6.55 1.44
N SER B 120 7.25 7.71 1.05
CA SER B 120 7.56 8.32 -0.23
C SER B 120 7.21 7.41 -1.40
N LYS B 121 6.08 6.70 -1.31
CA LYS B 121 5.53 5.96 -2.44
C LYS B 121 4.46 6.80 -3.12
N TRP B 122 4.22 6.53 -4.40
CA TRP B 122 3.20 7.21 -5.18
C TRP B 122 1.81 6.87 -4.65
N VAL B 123 0.95 7.89 -4.61
CA VAL B 123 -0.45 7.73 -4.27
C VAL B 123 -1.23 8.47 -5.35
N PHE B 124 -2.56 8.24 -5.39
CA PHE B 124 -3.42 8.85 -6.38
C PHE B 124 -4.85 8.84 -5.85
N TYR B 125 -5.68 9.72 -6.42
CA TYR B 125 -7.10 9.66 -6.23
C TYR B 125 -7.75 10.41 -7.40
N PRO B 126 -9.05 10.19 -7.67
CA PRO B 126 -9.72 10.81 -8.81
C PRO B 126 -9.58 12.32 -8.85
N ALA B 127 -9.60 12.83 -10.09
CA ALA B 127 -9.56 14.25 -10.38
C ALA B 127 -10.56 14.59 -11.47
N THR B 128 -11.13 15.78 -11.34
CA THR B 128 -12.23 16.23 -12.16
C THR B 128 -11.88 17.65 -12.54
N GLY B 129 -11.85 17.93 -13.85
CA GLY B 129 -11.71 19.30 -14.30
C GLY B 129 -12.94 20.12 -13.96
N VAL B 130 -12.74 21.35 -13.52
CA VAL B 130 -13.84 22.17 -13.07
C VAL B 130 -13.96 23.41 -13.95
N SER B 131 -12.85 23.95 -14.46
CA SER B 131 -12.97 25.12 -15.31
C SER B 131 -11.82 25.16 -16.33
N GLY B 132 -11.87 26.21 -17.16
CA GLY B 132 -10.78 26.48 -18.08
C GLY B 132 -10.52 25.27 -18.97
N ARG B 133 -9.25 24.98 -19.22
CA ARG B 133 -8.90 23.96 -20.19
C ARG B 133 -9.29 22.58 -19.69
N TYR B 134 -9.64 22.43 -18.40
CA TYR B 134 -9.84 21.09 -17.87
C TYR B 134 -11.34 20.76 -17.84
N LEU B 135 -12.20 21.72 -18.15
CA LEU B 135 -13.62 21.42 -18.22
C LEU B 135 -13.91 20.20 -19.12
N GLY B 136 -14.60 19.22 -18.53
CA GLY B 136 -15.03 18.03 -19.25
C GLY B 136 -13.95 16.97 -19.32
N LEU B 137 -12.81 17.17 -18.62
CA LEU B 137 -11.81 16.11 -18.49
C LEU B 137 -11.92 15.50 -17.09
N THR B 138 -11.60 14.20 -16.99
CA THR B 138 -11.53 13.52 -15.71
C THR B 138 -10.33 12.57 -15.75
N GLY B 139 -9.87 12.16 -14.57
CA GLY B 139 -8.73 11.26 -14.46
C GLY B 139 -8.22 11.17 -13.02
N PHE B 140 -6.92 11.42 -12.83
CA PHE B 140 -6.24 11.13 -11.59
C PHE B 140 -5.18 12.18 -11.29
N ARG B 141 -5.14 12.51 -10.00
CA ARG B 141 -4.06 13.36 -9.45
C ARG B 141 -3.18 12.35 -8.72
N GLN B 142 -1.89 12.35 -9.00
CA GLN B 142 -0.95 11.41 -8.39
C GLN B 142 0.19 12.20 -7.78
N TRP B 143 0.76 11.72 -6.66
CA TRP B 143 1.97 12.32 -6.15
C TRP B 143 2.73 11.40 -5.21
N ARG B 144 3.99 11.78 -4.99
CA ARG B 144 4.91 11.13 -4.08
C ARG B 144 5.56 12.22 -3.23
N MET B 145 5.61 12.00 -1.91
CA MET B 145 6.35 12.90 -1.05
C MET B 145 7.85 12.84 -1.37
N THR B 146 8.51 13.98 -1.54
CA THR B 146 9.95 13.96 -1.72
C THR B 146 10.64 14.56 -0.49
N GLY B 147 9.97 15.45 0.26
CA GLY B 147 10.45 15.88 1.56
C GLY B 147 9.31 16.14 2.53
N VAL B 148 9.31 15.39 3.64
CA VAL B 148 8.29 15.52 4.66
C VAL B 148 8.08 16.99 4.99
N ARG B 149 6.84 17.44 4.87
CA ARG B 149 6.40 18.80 5.09
C ARG B 149 7.19 19.79 4.22
N LYS B 150 7.68 19.35 3.05
CA LYS B 150 8.52 20.22 2.25
C LYS B 150 8.12 20.13 0.78
N SER B 151 8.13 18.94 0.20
CA SER B 151 8.00 18.88 -1.25
C SER B 151 7.43 17.54 -1.70
N ALA B 152 6.95 17.58 -2.94
CA ALA B 152 6.46 16.39 -3.62
C ALA B 152 6.77 16.47 -5.12
N GLU B 153 6.59 15.32 -5.77
CA GLU B 153 6.56 15.17 -7.23
C GLU B 153 5.12 14.78 -7.59
N ALA B 154 4.57 15.31 -8.69
CA ALA B 154 3.18 15.03 -9.04
C ALA B 154 2.97 14.83 -10.54
N ARG B 155 1.85 14.15 -10.85
CA ARG B 155 1.32 14.04 -12.19
C ARG B 155 -0.19 14.21 -12.12
N ILE B 156 -0.73 14.80 -13.17
CA ILE B 156 -2.16 14.89 -13.38
C ILE B 156 -2.44 14.29 -14.75
N LEU B 157 -3.25 13.23 -14.76
CA LEU B 157 -3.56 12.47 -15.95
C LEU B 157 -5.07 12.56 -16.21
N LEU B 158 -5.46 13.14 -17.35
CA LEU B 158 -6.85 13.43 -17.63
C LEU B 158 -7.20 12.94 -19.02
N GLY B 159 -8.47 12.54 -19.21
CA GLY B 159 -9.02 12.19 -20.52
C GLY B 159 -10.40 12.80 -20.74
N GLU B 160 -10.82 12.89 -22.01
CA GLU B 160 -12.17 13.32 -22.42
C GLU B 160 -13.17 12.15 -22.43
N GLU C 25 14.93 28.05 45.00
CA GLU C 25 16.21 27.77 45.70
C GLU C 25 17.30 28.73 45.20
N THR C 26 18.14 29.24 46.11
CA THR C 26 19.23 30.14 45.73
C THR C 26 20.45 29.31 45.27
N ARG C 27 21.01 29.67 44.09
CA ARG C 27 22.29 29.13 43.61
C ARG C 27 22.24 27.61 43.55
N PRO C 28 21.32 27.04 42.76
CA PRO C 28 21.25 25.58 42.69
C PRO C 28 22.55 25.06 42.06
N GLN C 29 22.97 23.86 42.48
CA GLN C 29 24.15 23.18 41.96
C GLN C 29 23.88 22.65 40.56
N ALA C 30 22.64 22.18 40.35
CA ALA C 30 22.18 21.61 39.10
C ALA C 30 20.78 22.16 38.79
N LEU C 31 20.44 22.17 37.51
CA LEU C 31 19.25 22.85 37.05
C LEU C 31 18.78 22.17 35.76
N LEU C 32 17.50 21.82 35.73
CA LEU C 32 16.88 21.13 34.61
C LEU C 32 15.79 22.04 34.10
N ILE C 33 15.84 22.35 32.79
CA ILE C 33 14.76 23.07 32.13
C ILE C 33 14.09 22.10 31.16
N LYS C 34 12.82 21.77 31.42
CA LYS C 34 12.08 20.82 30.60
C LYS C 34 11.35 21.60 29.51
N VAL C 35 11.47 21.14 28.26
CA VAL C 35 10.80 21.76 27.13
C VAL C 35 10.02 20.69 26.37
N PRO C 36 8.83 20.29 26.89
CA PRO C 36 8.03 19.22 26.29
C PRO C 36 7.53 19.51 24.86
N THR C 37 7.31 20.78 24.55
CA THR C 37 6.97 21.18 23.20
C THR C 37 7.99 22.21 22.75
N GLU C 38 8.75 21.88 21.70
CA GLU C 38 9.51 22.86 20.96
C GLU C 38 8.97 22.86 19.54
N ILE C 39 8.44 24.01 19.13
CA ILE C 39 7.85 24.20 17.81
C ILE C 39 8.89 24.78 16.88
N VAL C 40 9.13 24.15 15.74
CA VAL C 40 9.97 24.80 14.75
C VAL C 40 9.07 25.71 13.92
N VAL C 41 9.26 27.00 14.11
CA VAL C 41 8.44 28.01 13.47
C VAL C 41 8.93 28.24 12.04
N LYS C 42 10.25 28.20 11.83
CA LYS C 42 10.83 28.42 10.51
C LYS C 42 12.02 27.50 10.34
N VAL C 43 12.05 26.73 9.24
CA VAL C 43 13.25 26.02 8.88
C VAL C 43 13.49 26.16 7.37
N VAL C 44 14.74 26.51 6.99
CA VAL C 44 15.24 26.54 5.62
C VAL C 44 16.35 25.51 5.56
N ASP C 45 16.25 24.56 4.65
CA ASP C 45 17.22 23.48 4.63
C ASP C 45 17.30 22.94 3.21
N ASP C 46 18.40 22.26 2.88
CA ASP C 46 18.50 21.47 1.68
C ASP C 46 18.76 20.03 2.06
N VAL C 47 18.27 19.61 3.22
CA VAL C 47 18.50 18.25 3.65
C VAL C 47 17.47 17.34 2.97
N ASP C 48 17.93 16.20 2.49
CA ASP C 48 17.02 15.15 2.07
C ASP C 48 16.92 14.17 3.23
N VAL C 49 15.83 14.24 3.99
CA VAL C 49 15.75 13.51 5.24
C VAL C 49 15.77 12.01 5.00
N ALA C 50 15.29 11.56 3.84
CA ALA C 50 15.29 10.16 3.47
C ALA C 50 16.68 9.66 3.06
N ALA C 51 17.53 10.54 2.54
CA ALA C 51 18.84 10.13 2.08
C ALA C 51 19.82 11.28 2.30
N PRO C 52 20.23 11.55 3.55
CA PRO C 52 21.05 12.74 3.85
C PRO C 52 22.50 12.57 3.42
N ALA C 53 23.13 13.71 3.08
CA ALA C 53 24.48 13.72 2.57
C ALA C 53 25.27 14.89 3.15
N VAL C 54 26.59 14.72 3.11
CA VAL C 54 27.54 15.69 3.59
C VAL C 54 27.42 16.97 2.76
N GLY C 55 27.52 18.12 3.43
CA GLY C 55 27.33 19.42 2.81
C GLY C 55 25.91 19.97 2.94
N GLN C 56 24.90 19.13 3.23
CA GLN C 56 23.57 19.65 3.46
C GLN C 56 23.49 20.39 4.80
N VAL C 57 22.62 21.41 4.84
CA VAL C 57 22.55 22.35 5.94
C VAL C 57 21.08 22.64 6.24
N GLY C 58 20.84 23.19 7.45
CA GLY C 58 19.59 23.85 7.74
C GLY C 58 19.79 25.05 8.68
N LYS C 59 18.88 26.02 8.62
CA LYS C 59 18.73 27.06 9.61
C LYS C 59 17.33 26.97 10.21
N PHE C 60 17.20 27.11 11.53
CA PHE C 60 15.95 26.86 12.21
C PHE C 60 15.72 27.92 13.26
N ASP C 61 14.44 28.27 13.42
CA ASP C 61 13.95 29.15 14.48
C ASP C 61 12.81 28.43 15.21
N ASP C 62 12.95 28.30 16.53
CA ASP C 62 12.08 27.49 17.38
C ASP C 62 11.45 28.36 18.47
N GLU C 63 10.26 27.95 18.90
CA GLU C 63 9.65 28.46 20.11
C GLU C 63 9.55 27.33 21.12
N LEU C 64 9.90 27.67 22.37
CA LEU C 64 10.04 26.73 23.47
C LEU C 64 8.86 26.94 24.43
N TYR C 65 8.22 25.83 24.85
CA TYR C 65 7.05 25.89 25.72
C TYR C 65 7.27 24.94 26.91
N ASP C 66 6.79 25.35 28.10
CA ASP C 66 6.75 24.53 29.31
C ASP C 66 5.53 23.58 29.32
N GLU C 67 5.38 22.83 30.43
CA GLU C 67 4.35 21.79 30.59
C GLU C 67 2.97 22.42 30.44
N ALA C 68 2.82 23.68 30.91
CA ALA C 68 1.55 24.39 30.95
C ALA C 68 1.19 25.05 29.62
N GLY C 69 2.01 24.88 28.57
CA GLY C 69 1.77 25.55 27.29
C GLY C 69 2.17 27.04 27.26
N ALA C 70 2.86 27.54 28.29
CA ALA C 70 3.44 28.87 28.23
C ALA C 70 4.78 28.87 27.48
N GLN C 71 5.05 29.96 26.77
CA GLN C 71 6.25 30.12 25.97
C GLN C 71 7.38 30.62 26.87
N ILE C 72 8.48 29.86 26.95
CA ILE C 72 9.57 30.18 27.84
C ILE C 72 10.79 30.71 27.07
N GLY C 73 10.78 30.64 25.74
CA GLY C 73 11.93 31.13 25.00
C GLY C 73 11.85 30.78 23.52
N THR C 74 12.94 31.11 22.84
CA THR C 74 13.12 30.86 21.41
C THR C 74 14.54 30.37 21.21
N SER C 75 14.75 29.77 20.04
CA SER C 75 16.06 29.31 19.67
C SER C 75 16.27 29.67 18.20
N SER C 76 17.50 30.08 17.91
CA SER C 76 17.99 30.40 16.58
C SER C 76 19.33 29.67 16.36
N GLY C 77 19.38 28.85 15.30
CA GLY C 77 20.43 27.83 15.16
C GLY C 77 20.65 27.39 13.71
N ASN C 78 21.71 26.64 13.47
CA ASN C 78 21.93 26.06 12.17
C ASN C 78 22.75 24.78 12.35
N PHE C 79 22.86 24.02 11.26
CA PHE C 79 23.58 22.76 11.30
C PHE C 79 24.15 22.46 9.92
N ARG C 80 25.18 21.62 9.92
CA ARG C 80 25.79 21.20 8.67
C ARG C 80 26.16 19.74 8.81
N ILE C 81 25.81 18.92 7.82
CA ILE C 81 26.28 17.56 7.84
C ILE C 81 27.71 17.55 7.32
N GLU C 82 28.62 17.05 8.17
CA GLU C 82 30.04 17.32 8.02
C GLU C 82 30.76 16.10 7.48
N TYR C 83 30.49 14.90 8.00
CA TYR C 83 31.27 13.72 7.60
C TYR C 83 30.48 12.46 7.87
N VAL C 84 30.92 11.39 7.21
CA VAL C 84 30.38 10.06 7.41
C VAL C 84 31.31 9.29 8.34
N ARG C 85 30.76 8.84 9.46
CA ARG C 85 31.52 8.03 10.40
C ARG C 85 31.75 6.64 9.82
N PRO C 86 33.02 6.17 9.66
CA PRO C 86 33.28 4.82 9.12
C PRO C 86 32.75 3.62 9.91
N THR C 87 32.63 3.75 11.24
CA THR C 87 31.96 2.78 12.10
C THR C 87 30.64 2.30 11.48
N ASP C 88 29.62 3.16 11.44
CA ASP C 88 28.24 2.72 11.26
C ASP C 88 27.55 3.47 10.11
N GLY C 89 28.31 4.29 9.37
CA GLY C 89 27.74 5.21 8.39
C GLY C 89 26.98 6.39 9.02
N GLY C 90 27.18 6.64 10.32
CA GLY C 90 26.53 7.78 10.96
C GLY C 90 26.84 9.08 10.21
N LEU C 91 25.86 9.98 10.07
CA LEU C 91 26.10 11.23 9.38
C LEU C 91 26.32 12.33 10.42
N LEU C 92 27.58 12.60 10.70
CA LEU C 92 27.92 13.41 11.85
C LEU C 92 27.69 14.86 11.49
N THR C 93 26.94 15.53 12.36
CA THR C 93 26.34 16.81 12.01
C THR C 93 26.72 17.76 13.12
N TYR C 94 27.13 18.96 12.74
CA TYR C 94 27.55 19.95 13.70
C TYR C 94 26.42 20.95 13.87
N TYR C 95 25.96 21.12 15.12
CA TYR C 95 24.89 22.05 15.41
C TYR C 95 25.42 23.23 16.19
N GLN C 96 24.70 24.33 16.11
CA GLN C 96 25.08 25.53 16.89
C GLN C 96 23.79 26.35 17.04
N GLU C 97 23.52 26.83 18.26
CA GLU C 97 22.32 27.60 18.45
C GLU C 97 22.50 28.55 19.61
N ASP C 98 21.71 29.62 19.54
CA ASP C 98 21.51 30.55 20.63
C ASP C 98 20.07 30.37 21.12
N ILE C 99 19.94 29.94 22.38
CA ILE C 99 18.68 29.73 23.07
C ILE C 99 18.44 30.91 24.00
N THR C 100 17.44 31.73 23.69
CA THR C 100 17.05 32.87 24.50
C THR C 100 15.81 32.51 25.34
N LEU C 101 16.05 32.21 26.63
CA LEU C 101 14.97 32.08 27.58
C LEU C 101 14.59 33.46 28.12
N SER C 102 13.46 33.55 28.81
CA SER C 102 13.00 34.83 29.32
C SER C 102 13.95 35.35 30.41
N ASP C 103 14.74 34.46 31.04
CA ASP C 103 15.64 34.88 32.11
C ASP C 103 17.13 34.68 31.77
N GLY C 104 17.49 34.50 30.49
CA GLY C 104 18.89 34.50 30.07
C GLY C 104 19.16 33.67 28.82
N VAL C 105 20.38 33.81 28.29
CA VAL C 105 20.78 33.20 27.04
C VAL C 105 21.71 32.01 27.30
N ILE C 106 21.46 30.92 26.59
CA ILE C 106 22.31 29.73 26.62
C ILE C 106 22.82 29.48 25.20
N HIS C 107 24.14 29.31 25.03
CA HIS C 107 24.69 28.91 23.75
C HIS C 107 24.91 27.40 23.82
N ALA C 108 24.78 26.71 22.70
CA ALA C 108 25.03 25.27 22.64
C ALA C 108 25.52 24.89 21.25
N GLU C 109 26.43 23.92 21.18
CA GLU C 109 27.01 23.55 19.90
C GLU C 109 27.79 22.27 20.07
N GLY C 110 27.82 21.46 19.01
CA GLY C 110 28.58 20.23 18.99
C GLY C 110 27.98 19.20 18.04
N TRP C 111 28.37 17.95 18.25
CA TRP C 111 28.10 16.88 17.31
C TRP C 111 26.82 16.14 17.65
N ALA C 112 26.13 15.72 16.59
CA ALA C 112 25.01 14.80 16.67
C ALA C 112 24.97 13.96 15.40
N ASP C 113 24.44 12.75 15.53
CA ASP C 113 24.29 11.83 14.42
C ASP C 113 22.94 12.10 13.75
N PHE C 114 22.95 12.43 12.45
CA PHE C 114 21.72 12.82 11.77
C PHE C 114 20.79 11.62 11.61
N ASN C 115 21.34 10.41 11.57
CA ASN C 115 20.54 9.18 11.63
C ASN C 115 19.68 9.13 12.88
N ASP C 116 20.18 9.63 14.01
CA ASP C 116 19.38 9.70 15.22
C ASP C 116 18.35 10.83 15.07
N VAL C 117 18.77 11.99 14.56
CA VAL C 117 17.85 13.10 14.39
C VAL C 117 16.62 12.61 13.64
N ARG C 118 16.80 11.93 12.50
CA ARG C 118 15.72 11.65 11.57
C ARG C 118 14.88 10.45 12.02
N THR C 119 15.40 9.60 12.92
CA THR C 119 14.62 8.45 13.38
C THR C 119 14.07 8.76 14.76
N SER C 120 14.01 10.04 15.12
CA SER C 120 13.36 10.51 16.35
C SER C 120 14.04 10.05 17.64
N LYS C 121 15.36 9.86 17.64
CA LYS C 121 16.08 9.53 18.87
C LYS C 121 16.62 10.81 19.52
N TRP C 122 16.95 10.72 20.80
CA TRP C 122 17.53 11.85 21.51
C TRP C 122 18.93 12.13 20.98
N VAL C 123 19.24 13.41 20.84
CA VAL C 123 20.59 13.88 20.54
C VAL C 123 20.93 14.93 21.58
N PHE C 124 22.22 15.30 21.67
CA PHE C 124 22.69 16.27 22.64
C PHE C 124 24.01 16.91 22.16
N TYR C 125 24.30 18.08 22.73
CA TYR C 125 25.62 18.66 22.56
C TYR C 125 25.82 19.67 23.68
N PRO C 126 27.08 20.03 23.99
CA PRO C 126 27.37 20.94 25.10
C PRO C 126 26.62 22.26 25.04
N ALA C 127 26.28 22.75 26.24
CA ALA C 127 25.67 24.05 26.40
C ALA C 127 26.43 24.85 27.46
N THR C 128 26.36 26.18 27.32
CA THR C 128 27.10 27.12 28.12
C THR C 128 26.18 28.29 28.35
N GLY C 129 25.94 28.62 29.62
CA GLY C 129 25.17 29.80 29.95
C GLY C 129 25.95 31.04 29.59
N VAL C 130 25.27 32.03 29.06
CA VAL C 130 25.94 33.20 28.54
C VAL C 130 25.51 34.44 29.31
N SER C 131 24.28 34.48 29.79
CA SER C 131 23.81 35.63 30.54
C SER C 131 22.68 35.22 31.49
N GLY C 132 22.19 36.20 32.28
CA GLY C 132 21.05 36.01 33.16
C GLY C 132 21.29 34.85 34.12
N ARG C 133 20.27 34.07 34.36
CA ARG C 133 20.31 33.01 35.36
C ARG C 133 21.35 31.95 34.97
N TYR C 134 21.75 31.85 33.70
CA TYR C 134 22.58 30.71 33.33
C TYR C 134 24.05 31.07 33.32
N LEU C 135 24.41 32.35 33.56
CA LEU C 135 25.80 32.75 33.62
C LEU C 135 26.58 31.88 34.62
N GLY C 136 27.62 31.23 34.12
CA GLY C 136 28.56 30.47 34.93
C GLY C 136 28.14 29.01 35.01
N LEU C 137 27.06 28.63 34.33
CA LEU C 137 26.61 27.25 34.30
C LEU C 137 27.00 26.62 32.95
N THR C 138 27.29 25.31 32.96
CA THR C 138 27.56 24.59 31.74
C THR C 138 26.82 23.26 31.90
N GLY C 139 26.54 22.63 30.77
CA GLY C 139 25.95 21.30 30.75
C GLY C 139 25.61 20.89 29.32
N PHE C 140 24.35 20.54 29.08
CA PHE C 140 23.99 19.95 27.83
C PHE C 140 22.59 20.38 27.41
N ARG C 141 22.46 20.55 26.08
CA ARG C 141 21.19 20.72 25.40
C ARG C 141 20.84 19.39 24.78
N GLN C 142 19.61 18.91 25.01
CA GLN C 142 19.19 17.63 24.46
C GLN C 142 17.83 17.76 23.79
N TRP C 143 17.62 17.07 22.67
CA TRP C 143 16.33 17.08 22.04
C TRP C 143 16.10 15.84 21.18
N ARG C 144 14.80 15.65 20.89
CA ARG C 144 14.27 14.62 20.03
C ARG C 144 13.21 15.24 19.11
N MET C 145 13.34 15.01 17.80
CA MET C 145 12.32 15.36 16.82
CA MET C 145 12.30 15.44 16.87
C MET C 145 11.01 14.66 17.16
N THR C 146 9.89 15.40 17.26
CA THR C 146 8.57 14.78 17.41
C THR C 146 7.79 14.91 16.09
N GLY C 147 8.14 15.89 15.24
CA GLY C 147 7.73 15.87 13.85
C GLY C 147 8.77 16.62 13.00
N VAL C 148 9.26 15.97 11.95
CA VAL C 148 10.22 16.56 11.05
C VAL C 148 9.70 17.89 10.53
N ARG C 149 10.51 18.93 10.68
CA ARG C 149 10.20 20.27 10.22
C ARG C 149 8.97 20.80 10.94
N LYS C 150 8.68 20.28 12.12
CA LYS C 150 7.49 20.72 12.85
C LYS C 150 7.80 20.92 14.33
N SER C 151 8.35 19.93 15.02
CA SER C 151 8.29 19.96 16.47
C SER C 151 9.32 19.03 17.09
N ALA C 152 9.68 19.33 18.35
CA ALA C 152 10.56 18.48 19.12
C ALA C 152 10.20 18.55 20.59
N GLU C 153 10.79 17.62 21.32
CA GLU C 153 10.89 17.66 22.77
C GLU C 153 12.36 17.92 23.18
N ALA C 154 12.57 18.55 24.32
CA ALA C 154 13.90 19.02 24.69
C ALA C 154 14.08 19.17 26.19
N ARG C 155 15.36 19.16 26.58
CA ARG C 155 15.83 19.36 27.93
C ARG C 155 17.12 20.17 27.85
N ILE C 156 17.30 21.07 28.82
CA ILE C 156 18.59 21.68 29.07
C ILE C 156 18.95 21.34 30.50
N LEU C 157 20.11 20.70 30.66
CA LEU C 157 20.60 20.24 31.94
C LEU C 157 21.91 20.96 32.24
N LEU C 158 21.94 21.77 33.31
CA LEU C 158 23.06 22.63 33.62
C LEU C 158 23.56 22.35 35.05
N GLY C 159 24.88 22.56 35.24
CA GLY C 159 25.49 22.50 36.56
C GLY C 159 26.42 23.68 36.78
N GLU C 160 26.79 23.93 38.06
CA GLU C 160 27.76 24.96 38.41
C GLU C 160 28.98 24.31 39.08
N PRO D 28 3.48 9.45 -28.02
CA PRO D 28 2.69 10.48 -27.33
C PRO D 28 2.89 10.48 -25.81
N GLN D 29 2.65 11.65 -25.19
CA GLN D 29 2.74 11.81 -23.73
C GLN D 29 1.65 11.00 -23.03
N ALA D 30 0.40 11.11 -23.50
CA ALA D 30 -0.73 10.50 -22.82
C ALA D 30 -1.68 9.82 -23.80
N LEU D 31 -2.34 8.75 -23.34
CA LEU D 31 -3.16 7.88 -24.18
C LEU D 31 -4.48 7.57 -23.47
N LEU D 32 -5.60 7.73 -24.19
CA LEU D 32 -6.92 7.27 -23.76
C LEU D 32 -7.42 6.17 -24.67
N ILE D 33 -7.74 5.02 -24.08
CA ILE D 33 -8.40 3.94 -24.80
C ILE D 33 -9.82 3.82 -24.26
N LYS D 34 -10.81 4.16 -25.10
CA LYS D 34 -12.23 4.01 -24.78
C LYS D 34 -12.67 2.64 -25.30
N VAL D 35 -13.22 1.82 -24.38
CA VAL D 35 -13.75 0.49 -24.68
C VAL D 35 -15.25 0.50 -24.40
N PRO D 36 -16.10 0.81 -25.41
CA PRO D 36 -17.54 0.84 -25.21
C PRO D 36 -18.15 -0.53 -24.90
N THR D 37 -17.50 -1.64 -25.30
CA THR D 37 -18.12 -2.95 -25.11
C THR D 37 -17.07 -3.92 -24.61
N GLU D 38 -17.19 -4.32 -23.35
CA GLU D 38 -16.41 -5.40 -22.77
C GLU D 38 -17.39 -6.50 -22.36
N ILE D 39 -17.17 -7.72 -22.86
CA ILE D 39 -18.07 -8.81 -22.56
C ILE D 39 -17.39 -9.81 -21.63
N VAL D 40 -18.03 -10.09 -20.49
CA VAL D 40 -17.60 -11.16 -19.61
C VAL D 40 -17.95 -12.49 -20.26
N VAL D 41 -16.93 -13.14 -20.85
CA VAL D 41 -17.11 -14.41 -21.51
C VAL D 41 -17.20 -15.57 -20.52
N LYS D 42 -16.38 -15.58 -19.46
CA LYS D 42 -16.53 -16.57 -18.41
C LYS D 42 -16.22 -15.95 -17.05
N VAL D 43 -16.99 -16.32 -16.04
CA VAL D 43 -16.69 -15.96 -14.67
C VAL D 43 -17.03 -17.16 -13.82
N VAL D 44 -16.12 -17.53 -12.91
CA VAL D 44 -16.41 -18.48 -11.85
C VAL D 44 -16.26 -17.73 -10.54
N ASP D 45 -17.26 -17.82 -9.65
CA ASP D 45 -17.26 -16.97 -8.48
C ASP D 45 -18.20 -17.57 -7.44
N ASP D 46 -18.04 -17.20 -6.16
CA ASP D 46 -19.07 -17.48 -5.17
C ASP D 46 -19.65 -16.18 -4.61
N VAL D 47 -19.79 -15.17 -5.46
CA VAL D 47 -20.36 -13.91 -5.03
C VAL D 47 -21.88 -13.99 -5.08
N ASP D 48 -22.51 -13.68 -3.93
CA ASP D 48 -23.92 -13.33 -3.86
C ASP D 48 -24.06 -11.83 -4.10
N VAL D 49 -24.43 -11.42 -5.32
CA VAL D 49 -24.39 -10.00 -5.68
C VAL D 49 -25.39 -9.19 -4.84
N ALA D 50 -26.47 -9.83 -4.38
CA ALA D 50 -27.50 -9.16 -3.59
C ALA D 50 -27.07 -8.94 -2.14
N ALA D 51 -26.12 -9.74 -1.65
CA ALA D 51 -25.59 -9.61 -0.30
C ALA D 51 -24.13 -10.03 -0.25
N PRO D 52 -23.21 -9.28 -0.91
CA PRO D 52 -21.82 -9.72 -1.02
C PRO D 52 -21.21 -9.75 0.38
N ALA D 53 -20.17 -10.56 0.52
CA ALA D 53 -19.57 -10.80 1.81
C ALA D 53 -18.05 -10.96 1.64
N VAL D 54 -17.32 -10.59 2.68
CA VAL D 54 -15.89 -10.84 2.77
C VAL D 54 -15.62 -12.32 2.47
N GLY D 55 -14.55 -12.59 1.72
CA GLY D 55 -14.13 -13.96 1.47
C GLY D 55 -14.55 -14.42 0.08
N GLN D 56 -15.63 -13.82 -0.44
CA GLN D 56 -16.10 -14.18 -1.78
C GLN D 56 -15.07 -13.77 -2.84
N VAL D 57 -14.95 -14.62 -3.85
CA VAL D 57 -13.89 -14.55 -4.84
C VAL D 57 -14.49 -14.80 -6.20
N GLY D 58 -13.77 -14.40 -7.24
CA GLY D 58 -14.09 -14.83 -8.58
C GLY D 58 -12.90 -14.74 -9.53
N LYS D 59 -12.97 -15.53 -10.59
CA LYS D 59 -12.04 -15.47 -11.69
C LYS D 59 -12.84 -15.18 -12.95
N PHE D 60 -12.27 -14.40 -13.88
CA PHE D 60 -13.04 -13.97 -15.02
C PHE D 60 -12.16 -13.84 -16.25
N ASP D 61 -12.81 -13.90 -17.41
CA ASP D 61 -12.18 -13.69 -18.71
C ASP D 61 -13.10 -12.80 -19.54
N ASP D 62 -12.51 -11.81 -20.21
CA ASP D 62 -13.28 -10.77 -20.89
C ASP D 62 -12.76 -10.55 -22.30
N GLU D 63 -13.63 -10.02 -23.17
CA GLU D 63 -13.26 -9.56 -24.51
C GLU D 63 -13.62 -8.09 -24.64
N LEU D 64 -12.74 -7.32 -25.27
CA LEU D 64 -12.89 -5.89 -25.42
C LEU D 64 -13.11 -5.55 -26.88
N TYR D 65 -14.07 -4.64 -27.16
CA TYR D 65 -14.50 -4.28 -28.51
C TYR D 65 -14.57 -2.76 -28.65
N ASP D 66 -14.14 -2.26 -29.82
CA ASP D 66 -14.18 -0.84 -30.16
C ASP D 66 -15.59 -0.49 -30.68
N GLU D 67 -15.76 0.76 -31.13
CA GLU D 67 -17.04 1.29 -31.54
C GLU D 67 -17.55 0.64 -32.84
N ALA D 68 -16.64 0.19 -33.71
CA ALA D 68 -17.03 -0.49 -34.95
C ALA D 68 -17.12 -2.00 -34.73
N GLY D 69 -17.09 -2.46 -33.48
CA GLY D 69 -17.30 -3.85 -33.16
C GLY D 69 -16.11 -4.75 -33.44
N ALA D 70 -14.91 -4.18 -33.62
CA ALA D 70 -13.68 -4.97 -33.75
C ALA D 70 -13.12 -5.32 -32.36
N GLN D 71 -12.61 -6.56 -32.21
CA GLN D 71 -11.95 -6.99 -30.99
C GLN D 71 -10.61 -6.27 -30.86
N ILE D 72 -10.33 -5.73 -29.66
CA ILE D 72 -9.10 -4.98 -29.42
C ILE D 72 -8.31 -5.61 -28.29
N GLY D 73 -8.91 -6.53 -27.53
CA GLY D 73 -8.12 -7.41 -26.68
C GLY D 73 -8.99 -8.26 -25.78
N THR D 74 -8.33 -8.90 -24.80
CA THR D 74 -9.01 -9.73 -23.81
C THR D 74 -8.46 -9.31 -22.46
N SER D 75 -9.18 -9.71 -21.42
CA SER D 75 -8.67 -9.59 -20.08
C SER D 75 -8.91 -10.89 -19.34
N SER D 76 -7.94 -11.24 -18.51
CA SER D 76 -8.11 -12.33 -17.56
C SER D 76 -7.66 -11.87 -16.18
N GLY D 77 -8.47 -12.16 -15.16
CA GLY D 77 -8.17 -11.66 -13.83
C GLY D 77 -8.98 -12.35 -12.76
N ASN D 78 -8.81 -11.86 -11.53
CA ASN D 78 -9.50 -12.44 -10.40
C ASN D 78 -9.70 -11.31 -9.39
N PHE D 79 -10.53 -11.59 -8.39
CA PHE D 79 -10.80 -10.61 -7.35
C PHE D 79 -11.15 -11.34 -6.07
N ARG D 80 -11.03 -10.60 -4.96
CA ARG D 80 -11.43 -11.11 -3.67
C ARG D 80 -12.02 -9.97 -2.86
N ILE D 81 -13.18 -10.21 -2.25
CA ILE D 81 -13.79 -9.25 -1.35
C ILE D 81 -13.09 -9.39 0.00
N GLU D 82 -12.51 -8.26 0.48
CA GLU D 82 -11.48 -8.30 1.49
C GLU D 82 -11.96 -7.78 2.84
N TYR D 83 -12.70 -6.65 2.87
CA TYR D 83 -13.06 -6.06 4.15
C TYR D 83 -14.21 -5.07 3.97
N VAL D 84 -14.89 -4.80 5.09
CA VAL D 84 -15.96 -3.80 5.12
C VAL D 84 -15.36 -2.47 5.57
N ARG D 85 -15.50 -1.42 4.77
CA ARG D 85 -14.98 -0.12 5.17
C ARG D 85 -15.86 0.52 6.23
N PRO D 86 -15.35 0.90 7.43
CA PRO D 86 -16.19 1.54 8.46
C PRO D 86 -16.92 2.83 8.07
N THR D 87 -16.37 3.56 7.10
CA THR D 87 -16.94 4.87 6.74
C THR D 87 -18.31 4.75 6.13
N ASP D 88 -18.54 3.79 5.24
CA ASP D 88 -19.78 3.73 4.49
C ASP D 88 -20.29 2.28 4.34
N GLY D 89 -19.65 1.31 5.00
CA GLY D 89 -19.96 -0.11 4.79
C GLY D 89 -19.56 -0.65 3.40
N GLY D 90 -18.63 0.01 2.71
CA GLY D 90 -18.13 -0.44 1.42
C GLY D 90 -17.53 -1.85 1.51
N LEU D 91 -17.75 -2.65 0.47
CA LEU D 91 -17.21 -3.99 0.40
C LEU D 91 -15.99 -3.90 -0.48
N LEU D 92 -14.84 -3.67 0.17
CA LEU D 92 -13.60 -3.35 -0.51
C LEU D 92 -12.98 -4.63 -1.07
N THR D 93 -12.77 -4.60 -2.39
CA THR D 93 -12.47 -5.77 -3.17
C THR D 93 -11.17 -5.51 -3.91
N TYR D 94 -10.29 -6.51 -3.91
CA TYR D 94 -9.03 -6.43 -4.58
C TYR D 94 -9.10 -7.16 -5.91
N TYR D 95 -8.79 -6.40 -6.98
CA TYR D 95 -8.79 -6.84 -8.36
C TYR D 95 -7.36 -6.95 -8.88
N GLN D 96 -7.10 -8.04 -9.62
CA GLN D 96 -5.90 -8.19 -10.43
C GLN D 96 -6.25 -8.70 -11.82
N GLU D 97 -5.72 -8.05 -12.85
CA GLU D 97 -5.99 -8.48 -14.22
C GLU D 97 -4.82 -8.20 -15.16
N ASP D 98 -4.73 -9.03 -16.21
CA ASP D 98 -3.84 -8.76 -17.32
C ASP D 98 -4.67 -8.60 -18.58
N ILE D 99 -4.41 -7.47 -19.24
CA ILE D 99 -5.17 -7.03 -20.39
C ILE D 99 -4.27 -7.17 -21.59
N THR D 100 -4.58 -8.14 -22.46
CA THR D 100 -3.80 -8.34 -23.66
C THR D 100 -4.52 -7.63 -24.80
N LEU D 101 -4.04 -6.43 -25.14
CA LEU D 101 -4.49 -5.76 -26.33
C LEU D 101 -3.63 -6.25 -27.49
N SER D 102 -4.06 -5.93 -28.72
CA SER D 102 -3.42 -6.48 -29.91
C SER D 102 -2.07 -5.82 -30.19
N ASP D 103 -1.72 -4.74 -29.47
CA ASP D 103 -0.41 -4.13 -29.65
C ASP D 103 0.28 -3.90 -28.29
N GLY D 104 0.01 -4.79 -27.31
CA GLY D 104 0.73 -4.79 -26.03
C GLY D 104 -0.07 -5.38 -24.87
N VAL D 105 0.61 -5.56 -23.72
CA VAL D 105 -0.01 -6.06 -22.51
C VAL D 105 0.00 -4.94 -21.47
N ILE D 106 -1.02 -4.95 -20.60
CA ILE D 106 -1.17 -4.00 -19.51
C ILE D 106 -1.70 -4.73 -18.30
N HIS D 107 -0.94 -4.60 -17.21
CA HIS D 107 -1.35 -5.22 -15.94
C HIS D 107 -2.05 -4.15 -15.12
N ALA D 108 -3.12 -4.54 -14.45
CA ALA D 108 -3.85 -3.60 -13.60
C ALA D 108 -4.25 -4.29 -12.31
N GLU D 109 -4.23 -3.54 -11.20
CA GLU D 109 -4.58 -4.14 -9.92
C GLU D 109 -4.85 -3.07 -8.85
N GLY D 110 -5.76 -3.41 -7.93
CA GLY D 110 -6.04 -2.54 -6.79
C GLY D 110 -7.50 -2.68 -6.32
N TRP D 111 -7.95 -1.61 -5.67
CA TRP D 111 -9.12 -1.58 -4.82
C TRP D 111 -10.33 -1.01 -5.56
N ALA D 112 -11.48 -1.66 -5.37
CA ALA D 112 -12.78 -1.16 -5.78
C ALA D 112 -13.81 -1.54 -4.71
N ASP D 113 -14.78 -0.64 -4.54
CA ASP D 113 -15.97 -0.90 -3.72
C ASP D 113 -16.93 -1.79 -4.50
N PHE D 114 -17.26 -2.95 -3.93
CA PHE D 114 -18.19 -3.88 -4.58
C PHE D 114 -19.60 -3.28 -4.69
N ASN D 115 -19.97 -2.36 -3.79
CA ASN D 115 -21.27 -1.71 -3.86
C ASN D 115 -21.41 -0.89 -5.14
N ASP D 116 -20.30 -0.30 -5.61
CA ASP D 116 -20.24 0.43 -6.86
C ASP D 116 -20.22 -0.55 -8.04
N VAL D 117 -19.48 -1.65 -7.90
CA VAL D 117 -19.42 -2.64 -8.96
C VAL D 117 -20.85 -3.09 -9.31
N ARG D 118 -21.64 -3.39 -8.29
CA ARG D 118 -22.92 -4.03 -8.52
C ARG D 118 -24.03 -3.01 -8.77
N THR D 119 -23.78 -1.70 -8.59
CA THR D 119 -24.79 -0.70 -8.91
C THR D 119 -24.36 0.08 -10.14
N SER D 120 -23.55 -0.56 -10.99
CA SER D 120 -23.13 0.02 -12.25
C SER D 120 -22.47 1.40 -12.10
N LYS D 121 -21.69 1.63 -11.04
CA LYS D 121 -20.86 2.82 -10.93
C LYS D 121 -19.44 2.52 -11.40
N TRP D 122 -18.74 3.60 -11.80
CA TRP D 122 -17.37 3.48 -12.26
C TRP D 122 -16.45 3.09 -11.12
N VAL D 123 -15.54 2.15 -11.43
CA VAL D 123 -14.45 1.82 -10.51
C VAL D 123 -13.15 1.99 -11.29
N PHE D 124 -12.03 1.97 -10.55
CA PHE D 124 -10.71 2.22 -11.12
C PHE D 124 -9.63 1.63 -10.21
N TYR D 125 -8.49 1.34 -10.83
CA TYR D 125 -7.28 0.98 -10.12
C TYR D 125 -6.09 1.15 -11.06
N PRO D 126 -4.85 1.25 -10.49
CA PRO D 126 -3.63 1.44 -11.28
C PRO D 126 -3.37 0.40 -12.37
N ALA D 127 -2.90 0.91 -13.51
CA ALA D 127 -2.52 0.12 -14.68
C ALA D 127 -1.05 0.36 -15.01
N THR D 128 -0.34 -0.73 -15.36
CA THR D 128 1.05 -0.64 -15.77
C THR D 128 1.24 -1.31 -17.13
N GLY D 129 1.74 -0.53 -18.10
CA GLY D 129 2.24 -1.07 -19.35
C GLY D 129 3.33 -2.11 -19.11
N VAL D 130 3.11 -3.31 -19.66
CA VAL D 130 4.04 -4.43 -19.52
C VAL D 130 4.86 -4.61 -20.82
N SER D 131 4.21 -4.55 -22.00
CA SER D 131 4.90 -4.79 -23.26
C SER D 131 4.27 -4.01 -24.41
N GLY D 132 4.89 -4.11 -25.59
CA GLY D 132 4.34 -3.52 -26.81
C GLY D 132 4.39 -2.00 -26.75
N ARG D 133 3.40 -1.35 -27.38
CA ARG D 133 3.29 0.09 -27.41
C ARG D 133 3.11 0.69 -26.02
N TYR D 134 2.93 -0.15 -24.99
CA TYR D 134 2.56 0.33 -23.65
C TYR D 134 3.73 0.25 -22.66
N LEU D 135 4.89 -0.24 -23.11
CA LEU D 135 6.07 -0.24 -22.24
C LEU D 135 6.35 1.20 -21.85
N GLY D 136 6.64 1.42 -20.56
CA GLY D 136 6.98 2.73 -20.01
C GLY D 136 5.77 3.63 -19.79
N LEU D 137 4.56 3.08 -19.89
CA LEU D 137 3.37 3.89 -19.64
C LEU D 137 2.65 3.32 -18.42
N THR D 138 2.14 4.25 -17.60
CA THR D 138 1.43 3.93 -16.38
C THR D 138 0.19 4.83 -16.31
N GLY D 139 -0.82 4.37 -15.56
CA GLY D 139 -2.01 5.16 -15.29
C GLY D 139 -3.07 4.29 -14.64
N PHE D 140 -4.25 4.19 -15.28
CA PHE D 140 -5.44 3.65 -14.64
C PHE D 140 -6.33 2.89 -15.61
N ARG D 141 -6.78 1.73 -15.12
CA ARG D 141 -7.90 0.97 -15.64
C ARG D 141 -9.20 1.37 -14.97
N GLN D 142 -10.19 1.73 -15.79
CA GLN D 142 -11.51 2.11 -15.30
C GLN D 142 -12.56 1.23 -15.97
N TRP D 143 -13.60 0.88 -15.23
CA TRP D 143 -14.78 0.27 -15.82
C TRP D 143 -16.01 0.43 -14.95
N ARG D 144 -17.12 0.14 -15.61
CA ARG D 144 -18.44 0.16 -15.03
C ARG D 144 -19.19 -1.02 -15.62
N MET D 145 -19.72 -1.88 -14.75
CA MET D 145 -20.49 -3.03 -15.20
C MET D 145 -21.91 -2.60 -15.55
N THR D 146 -22.27 -2.80 -16.83
CA THR D 146 -23.62 -2.72 -17.37
C THR D 146 -24.52 -3.81 -16.78
N GLY D 147 -24.12 -5.06 -16.96
CA GLY D 147 -24.90 -6.21 -16.54
C GLY D 147 -24.04 -7.21 -15.80
N VAL D 148 -24.38 -7.41 -14.54
CA VAL D 148 -23.71 -8.35 -13.67
C VAL D 148 -23.28 -9.59 -14.47
N ARG D 149 -22.00 -9.95 -14.32
CA ARG D 149 -21.42 -11.17 -14.85
C ARG D 149 -21.40 -11.22 -16.37
N LYS D 150 -21.68 -10.10 -17.05
CA LYS D 150 -21.91 -10.17 -18.50
C LYS D 150 -21.27 -9.06 -19.30
N SER D 151 -21.47 -7.79 -18.89
CA SER D 151 -21.14 -6.68 -19.78
C SER D 151 -20.66 -5.50 -18.96
N ALA D 152 -19.86 -4.65 -19.61
CA ALA D 152 -19.26 -3.51 -18.96
C ALA D 152 -18.80 -2.57 -20.04
N GLU D 153 -18.40 -1.37 -19.63
CA GLU D 153 -17.67 -0.44 -20.47
C GLU D 153 -16.43 -0.01 -19.70
N ALA D 154 -15.39 0.42 -20.43
CA ALA D 154 -14.09 0.63 -19.80
C ALA D 154 -13.33 1.80 -20.42
N ARG D 155 -12.33 2.27 -19.67
CA ARG D 155 -11.35 3.24 -20.13
C ARG D 155 -9.98 2.81 -19.61
N ILE D 156 -8.96 3.03 -20.44
CA ILE D 156 -7.59 2.83 -20.00
C ILE D 156 -6.89 4.13 -20.26
N LEU D 157 -6.40 4.75 -19.18
CA LEU D 157 -5.79 6.08 -19.27
C LEU D 157 -4.33 6.00 -18.84
N LEU D 158 -3.42 6.19 -19.78
CA LEU D 158 -1.98 5.98 -19.50
C LEU D 158 -1.16 7.22 -19.85
N GLY D 159 0.03 7.31 -19.25
CA GLY D 159 0.92 8.46 -19.49
C GLY D 159 2.36 8.05 -19.34
N GLU D 160 3.25 8.74 -20.05
CA GLU D 160 4.71 8.47 -19.93
C GLU D 160 5.20 8.92 -18.55
#